data_5I2K
#
_entry.id   5I2K
#
_cell.length_a   55.655
_cell.length_b   89.329
_cell.length_c   119.447
_cell.angle_alpha   90.00
_cell.angle_beta   90.00
_cell.angle_gamma   90.00
#
_symmetry.space_group_name_H-M   'P 21 21 21'
#
loop_
_entity.id
_entity.type
_entity.pdbx_description
1 polymer 'Glutamate receptor ionotropic, NMDA 2A'
2 polymer 'Glutamate receptor ionotropic, NMDA 1'
3 non-polymer 'GLUTAMIC ACID'
4 non-polymer GLYCINE
5 non-polymer 7-{[ethyl(4-fluorophenyl)amino]methyl}-N,2-dimethyl-5-oxo-5H-[1,3]thiazolo[3,2-a]pyrimidine-3-carboxamide
6 water water
#
loop_
_entity_poly.entity_id
_entity_poly.type
_entity_poly.pdbx_seq_one_letter_code
_entity_poly.pdbx_strand_id
1 'polypeptide(L)'
;GSPDDNHLSIVTLEEAPFVIVEDIDPLTETCVRNTVPCRKFVKINNSTNEGMNVKKCCKGFCIDILKKLSRTVKFTYDLY
LVTNGKHGKKVNNVWNGMIGEVVYQRAVMAVGSLTINEERSEVVDFSVPFVETGISVMVSRGTQVTGLSDKKFQRPHDYS
PPFRFGTVPNGSTERNIRNNYPYMHQYMTKFNQKGVEDALVSLKTGKLDAFIYDAAVLNYKAGRDEGCKLVTIGSGYIFA
TTGYGIALQKGSPWKRQIDLALLQFVGDGEMEELETLWLTGICHN
;
A
2 'polypeptide(L)'
;GSMSTRLKIVTIHQEPFVYVKPTLSDGTCKEEFTVNGDPVKKVICTGPNDTSPGSPRHTVPQCCYGFCIDLLIKLARTMN
FTYEVHLVADGKFGTQERVNNSNKKEWNGMMGELLSGQADMIVAPLTINNERAQYIEFSKPFKYQGLTILVKKGTRITGI
NDPRLRNPSDKFIYATVKQSSVDIYFRRQVELSTMYRHMEKHNYESAAEAIQAVRDNKLHAFIWDSAVLEFEASQKCDLV
TTGELFFRSGFGIGMRKDSPWKQNVSLSILKSHENGFMEDLDKTWVRYQECDS
;
B
#
loop_
_chem_comp.id
_chem_comp.type
_chem_comp.name
_chem_comp.formula
67H non-polymer 7-{[ethyl(4-fluorophenyl)amino]methyl}-N,2-dimethyl-5-oxo-5H-[1,3]thiazolo[3,2-a]pyrimidine-3-carboxamide 'C18 H19 F N4 O2 S'
#
# COMPACT_ATOMS: atom_id res chain seq x y z
N ASN A 6 -11.92 -23.23 14.38
CA ASN A 6 -13.05 -22.30 14.29
C ASN A 6 -13.08 -21.31 15.45
N HIS A 7 -12.68 -21.76 16.66
CA HIS A 7 -12.58 -20.89 17.83
C HIS A 7 -11.10 -20.63 17.96
N LEU A 8 -10.67 -19.43 17.50
CA LEU A 8 -9.25 -19.09 17.43
C LEU A 8 -8.73 -18.16 18.55
N SER A 9 -7.51 -18.47 19.04
CA SER A 9 -6.77 -17.65 20.02
C SER A 9 -6.21 -16.46 19.21
N ILE A 10 -6.55 -15.24 19.61
CA ILE A 10 -6.13 -14.06 18.87
C ILE A 10 -5.56 -13.02 19.82
N VAL A 11 -4.34 -12.54 19.53
CA VAL A 11 -3.63 -11.56 20.35
C VAL A 11 -3.80 -10.13 19.80
N THR A 12 -3.81 -9.18 20.71
CA THR A 12 -3.91 -7.77 20.43
C THR A 12 -3.03 -6.98 21.44
N LEU A 13 -2.92 -5.66 21.24
CA LEU A 13 -2.12 -4.76 22.08
C LEU A 13 -2.83 -3.45 22.06
N GLU A 14 -2.91 -2.74 23.20
CA GLU A 14 -3.56 -1.44 23.21
C GLU A 14 -2.75 -0.35 22.52
N GLU A 15 -3.43 0.52 21.75
CA GLU A 15 -2.83 1.69 21.09
C GLU A 15 -3.99 2.48 20.53
N ALA A 16 -4.42 3.56 21.20
CA ALA A 16 -5.56 4.32 20.65
C ALA A 16 -5.16 4.90 19.31
N PRO A 17 -6.04 4.90 18.28
CA PRO A 17 -7.44 4.45 18.27
C PRO A 17 -7.64 3.04 17.69
N PHE A 18 -6.55 2.31 17.48
CA PHE A 18 -6.53 0.98 16.86
C PHE A 18 -7.11 -0.05 17.74
N VAL A 19 -6.65 -0.10 19.00
CA VAL A 19 -7.13 -0.98 20.06
C VAL A 19 -7.21 -0.09 21.30
N ILE A 20 -8.36 -0.12 21.97
CA ILE A 20 -8.63 0.65 23.18
C ILE A 20 -9.09 -0.32 24.25
N VAL A 21 -8.35 -0.40 25.36
CA VAL A 21 -8.76 -1.27 26.46
C VAL A 21 -9.64 -0.49 27.45
N GLU A 22 -10.66 -1.15 27.95
CA GLU A 22 -11.58 -0.57 28.92
C GLU A 22 -11.77 -1.60 30.02
N ASP A 23 -12.16 -1.14 31.20
CA ASP A 23 -12.42 -2.03 32.34
C ASP A 23 -13.84 -2.53 32.21
N ILE A 24 -14.12 -3.75 32.68
CA ILE A 24 -15.48 -4.33 32.57
C ILE A 24 -16.49 -3.53 33.44
N ASP A 25 -17.78 -3.51 33.04
CA ASP A 25 -18.85 -2.74 33.71
C ASP A 25 -19.16 -3.16 35.17
N PRO A 26 -19.37 -2.20 36.11
CA PRO A 26 -19.70 -2.59 37.50
C PRO A 26 -21.16 -3.05 37.67
N GLU A 29 -21.68 -5.50 34.49
CA GLU A 29 -21.18 -6.86 34.77
C GLU A 29 -20.34 -7.45 33.62
N THR A 30 -20.69 -7.05 32.36
CA THR A 30 -20.12 -7.54 31.11
C THR A 30 -19.76 -6.43 30.12
N CYS A 31 -19.22 -6.82 28.93
CA CYS A 31 -18.79 -5.89 27.88
C CYS A 31 -19.96 -5.40 26.99
N VAL A 32 -20.19 -4.08 27.03
CA VAL A 32 -21.29 -3.36 26.36
C VAL A 32 -20.94 -2.75 24.99
N ARG A 33 -21.96 -2.40 24.18
CA ARG A 33 -21.84 -1.72 22.87
C ARG A 33 -20.89 -2.41 21.85
N ASN A 34 -20.06 -1.62 21.09
CA ASN A 34 -19.08 -2.06 20.07
C ASN A 34 -17.90 -2.86 20.66
N THR A 35 -17.80 -2.86 22.00
CA THR A 35 -16.77 -3.52 22.77
C THR A 35 -16.88 -5.05 22.72
N VAL A 36 -15.74 -5.73 22.60
CA VAL A 36 -15.61 -7.17 22.66
C VAL A 36 -14.85 -7.54 23.95
N PRO A 37 -15.13 -8.67 24.62
CA PRO A 37 -14.33 -9.03 25.80
C PRO A 37 -12.88 -9.35 25.42
N CYS A 38 -11.93 -9.01 26.28
CA CYS A 38 -10.53 -9.30 26.03
C CYS A 38 -9.82 -9.51 27.33
N ARG A 39 -9.23 -10.70 27.48
CA ARG A 39 -8.54 -11.07 28.69
C ARG A 39 -7.10 -10.58 28.73
N LYS A 40 -6.66 -10.12 29.90
CA LYS A 40 -5.29 -9.70 30.17
C LYS A 40 -4.77 -10.46 31.40
N PHE A 41 -3.67 -11.19 31.26
CA PHE A 41 -3.07 -11.94 32.36
C PHE A 41 -2.25 -10.99 33.21
N VAL A 42 -2.71 -10.79 34.43
CA VAL A 42 -2.12 -9.88 35.40
C VAL A 42 -1.45 -10.70 36.51
N LYS A 43 -0.16 -10.46 36.76
CA LYS A 43 0.61 -11.14 37.80
C LYS A 43 0.15 -10.75 39.21
N ILE A 44 0.12 -11.75 40.11
CA ILE A 44 -0.22 -11.60 41.53
C ILE A 44 0.90 -10.75 42.15
N ASN A 45 2.19 -11.10 41.85
CA ASN A 45 3.36 -10.36 42.28
C ASN A 45 4.49 -10.41 41.22
N ASN A 46 5.61 -9.71 41.46
CA ASN A 46 6.71 -9.63 40.49
C ASN A 46 7.87 -10.61 40.79
N SER A 47 7.61 -11.63 41.62
CA SER A 47 8.61 -12.63 41.99
C SER A 47 8.01 -14.04 41.89
N THR A 48 6.95 -14.17 41.05
CA THR A 48 6.17 -15.39 40.76
C THR A 48 5.68 -15.34 39.30
N ASN A 49 5.26 -16.49 38.76
CA ASN A 49 4.68 -16.56 37.42
C ASN A 49 3.15 -16.56 37.60
N GLU A 50 2.69 -16.78 38.84
CA GLU A 50 1.28 -16.84 39.22
C GLU A 50 0.58 -15.54 38.93
N GLY A 51 -0.48 -15.61 38.16
CA GLY A 51 -1.28 -14.47 37.80
C GLY A 51 -2.71 -14.88 37.55
N MET A 52 -3.52 -13.93 37.09
CA MET A 52 -4.96 -14.11 36.86
C MET A 52 -5.41 -13.41 35.58
N ASN A 53 -6.35 -14.00 34.89
CA ASN A 53 -6.88 -13.40 33.67
C ASN A 53 -7.99 -12.43 34.05
N VAL A 54 -7.69 -11.15 33.90
CA VAL A 54 -8.65 -10.09 34.18
C VAL A 54 -9.49 -9.98 32.91
N LYS A 55 -10.81 -9.75 33.06
CA LYS A 55 -11.69 -9.57 31.92
C LYS A 55 -11.85 -8.08 31.67
N LYS A 56 -11.19 -7.61 30.61
CA LYS A 56 -11.21 -6.22 30.16
C LYS A 56 -12.17 -6.15 28.97
N CYS A 57 -12.37 -4.95 28.38
CA CYS A 57 -13.30 -4.72 27.26
C CYS A 57 -12.59 -3.95 26.15
N CYS A 58 -12.41 -4.60 24.97
CA CYS A 58 -11.67 -4.05 23.81
C CYS A 58 -12.55 -3.39 22.73
N LYS A 59 -12.11 -2.23 22.22
CA LYS A 59 -12.76 -1.53 21.10
C LYS A 59 -11.69 -0.84 20.23
N GLY A 60 -12.09 -0.29 19.09
CA GLY A 60 -11.17 0.40 18.19
C GLY A 60 -11.26 -0.08 16.76
N PHE A 61 -10.62 0.68 15.86
CA PHE A 61 -10.57 0.44 14.41
C PHE A 61 -10.29 -1.02 14.06
N CYS A 62 -9.22 -1.62 14.66
CA CYS A 62 -8.83 -3.02 14.45
C CYS A 62 -9.82 -3.98 15.02
N ILE A 63 -10.41 -3.62 16.17
CA ILE A 63 -11.44 -4.43 16.80
C ILE A 63 -12.68 -4.47 15.86
N ASP A 64 -12.99 -3.34 15.18
CA ASP A 64 -14.08 -3.30 14.19
C ASP A 64 -13.71 -4.12 12.93
N ILE A 65 -12.41 -4.19 12.56
CA ILE A 65 -11.94 -5.07 11.47
C ILE A 65 -12.09 -6.58 11.85
N LEU A 66 -11.69 -6.96 13.09
CA LEU A 66 -11.79 -8.30 13.69
C LEU A 66 -13.25 -8.71 13.87
N LYS A 67 -14.11 -7.79 14.33
CA LYS A 67 -15.55 -7.99 14.47
C LYS A 67 -16.11 -8.40 13.09
N LYS A 68 -15.79 -7.60 12.02
CA LYS A 68 -16.17 -7.81 10.62
C LYS A 68 -15.63 -9.13 10.07
N LEU A 69 -14.35 -9.43 10.35
CA LEU A 69 -13.69 -10.64 9.85
C LEU A 69 -14.31 -11.95 10.37
N SER A 70 -14.69 -12.02 11.68
CA SER A 70 -15.31 -13.21 12.26
C SER A 70 -16.64 -13.48 11.59
N ARG A 71 -17.42 -12.43 11.33
CA ARG A 71 -18.72 -12.47 10.68
C ARG A 71 -18.54 -12.98 9.24
N THR A 72 -17.70 -12.30 8.44
CA THR A 72 -17.42 -12.65 7.07
C THR A 72 -16.75 -14.03 6.90
N VAL A 73 -15.60 -14.29 7.55
CA VAL A 73 -14.74 -15.50 7.42
C VAL A 73 -15.34 -16.70 8.16
N LYS A 74 -16.21 -16.44 9.15
CA LYS A 74 -16.95 -17.44 9.95
C LYS A 74 -16.05 -18.17 10.93
N PHE A 75 -15.58 -17.41 11.92
CA PHE A 75 -14.79 -17.91 13.05
C PHE A 75 -15.27 -17.22 14.32
N THR A 76 -14.96 -17.80 15.47
CA THR A 76 -15.22 -17.26 16.80
C THR A 76 -13.82 -17.07 17.34
N TYR A 77 -13.64 -16.27 18.39
CA TYR A 77 -12.29 -16.05 18.90
C TYR A 77 -12.19 -15.90 20.40
N ASP A 78 -10.98 -16.10 20.92
CA ASP A 78 -10.64 -15.88 22.30
C ASP A 78 -9.56 -14.77 22.25
N LEU A 79 -10.01 -13.52 22.41
CA LEU A 79 -9.15 -12.34 22.34
C LEU A 79 -8.34 -12.07 23.64
N TYR A 80 -7.00 -11.97 23.51
CA TYR A 80 -6.16 -11.64 24.66
C TYR A 80 -5.16 -10.51 24.40
N LEU A 81 -4.73 -9.84 25.47
CA LEU A 81 -3.77 -8.75 25.33
C LEU A 81 -2.37 -9.27 25.64
N VAL A 82 -1.43 -9.02 24.70
CA VAL A 82 -0.03 -9.42 24.79
C VAL A 82 0.60 -8.83 26.06
N THR A 83 1.22 -9.68 26.90
CA THR A 83 1.89 -9.19 28.10
C THR A 83 3.38 -9.27 27.94
N ASN A 84 3.89 -10.24 27.15
CA ASN A 84 5.33 -10.33 26.90
C ASN A 84 5.73 -9.33 25.80
N GLY A 85 6.05 -8.12 26.23
CA GLY A 85 6.45 -7.12 25.26
C GLY A 85 5.29 -6.40 24.60
N LYS A 86 5.55 -5.87 23.41
CA LYS A 86 4.59 -5.06 22.73
C LYS A 86 4.27 -5.63 21.35
N HIS A 87 4.55 -4.88 20.27
CA HIS A 87 4.30 -5.26 18.88
C HIS A 87 5.12 -6.48 18.46
N GLY A 88 6.44 -6.36 18.50
CA GLY A 88 7.33 -7.45 18.13
C GLY A 88 8.78 -7.04 18.08
N LYS A 89 9.65 -7.80 18.79
CA LYS A 89 11.11 -7.56 18.82
C LYS A 89 11.90 -8.86 18.94
N LYS A 90 12.92 -9.00 18.08
CA LYS A 90 13.80 -10.16 18.00
C LYS A 90 14.97 -9.98 19.00
N VAL A 91 15.00 -10.82 20.01
CA VAL A 91 16.02 -10.71 21.05
C VAL A 91 16.80 -12.04 21.14
N ASN A 92 18.03 -12.02 20.59
CA ASN A 92 18.91 -13.20 20.54
C ASN A 92 18.20 -14.30 19.73
N ASN A 93 17.60 -13.85 18.63
CA ASN A 93 16.84 -14.61 17.65
C ASN A 93 15.54 -15.22 18.22
N VAL A 94 15.02 -14.63 19.31
CA VAL A 94 13.77 -15.07 19.93
C VAL A 94 12.78 -13.89 19.98
N TRP A 95 11.64 -14.05 19.29
CA TRP A 95 10.57 -13.07 19.13
C TRP A 95 9.69 -12.85 20.34
N ASN A 96 9.31 -11.59 20.60
CA ASN A 96 8.36 -11.26 21.66
C ASN A 96 7.22 -10.42 21.10
N GLY A 97 6.24 -10.09 21.93
CA GLY A 97 5.09 -9.30 21.54
C GLY A 97 4.12 -10.09 20.69
N MET A 98 3.18 -9.37 20.02
CA MET A 98 2.21 -9.96 19.11
C MET A 98 2.85 -10.97 18.14
N ILE A 99 3.92 -10.54 17.39
CA ILE A 99 4.66 -11.41 16.48
C ILE A 99 5.05 -12.70 17.21
N GLY A 100 5.72 -12.54 18.36
CA GLY A 100 6.14 -13.67 19.19
C GLY A 100 5.02 -14.66 19.51
N GLU A 101 3.84 -14.13 19.82
CA GLU A 101 2.67 -14.90 20.18
C GLU A 101 2.20 -15.76 19.06
N VAL A 102 2.33 -15.28 17.82
CA VAL A 102 1.93 -15.99 16.60
C VAL A 102 3.02 -17.05 16.25
N VAL A 103 4.34 -16.67 16.30
CA VAL A 103 5.48 -17.55 15.97
C VAL A 103 5.47 -18.81 16.84
N TYR A 104 5.42 -18.63 18.15
CA TYR A 104 5.44 -19.71 19.14
C TYR A 104 4.02 -20.23 19.43
N GLN A 105 3.18 -20.26 18.37
CA GLN A 105 1.83 -20.76 18.27
C GLN A 105 0.95 -20.57 19.53
N ARG A 106 1.04 -19.38 20.14
CA ARG A 106 0.23 -18.99 21.29
C ARG A 106 -1.03 -18.25 20.77
N ALA A 107 -0.96 -17.74 19.52
CA ALA A 107 -2.07 -17.07 18.86
C ALA A 107 -2.12 -17.50 17.42
N VAL A 108 -3.33 -17.70 16.91
CA VAL A 108 -3.63 -18.10 15.53
C VAL A 108 -3.36 -16.88 14.67
N MET A 109 -3.56 -15.68 15.26
CA MET A 109 -3.36 -14.41 14.58
C MET A 109 -3.25 -13.20 15.55
N ALA A 110 -2.70 -12.08 15.03
CA ALA A 110 -2.51 -10.83 15.75
C ALA A 110 -3.13 -9.71 14.96
N VAL A 111 -4.04 -9.00 15.62
CA VAL A 111 -4.76 -7.85 15.09
C VAL A 111 -4.48 -6.67 16.01
N GLY A 112 -4.05 -5.57 15.40
CA GLY A 112 -3.71 -4.32 16.08
C GLY A 112 -2.98 -3.39 15.16
N SER A 113 -2.21 -2.46 15.73
CA SER A 113 -1.39 -1.49 15.00
C SER A 113 -0.01 -2.14 14.75
N LEU A 114 0.00 -3.29 14.06
CA LEU A 114 1.21 -4.08 13.80
C LEU A 114 1.73 -3.84 12.39
N THR A 115 2.91 -3.25 12.33
CA THR A 115 3.56 -2.85 11.09
C THR A 115 4.17 -4.03 10.35
N ILE A 116 3.79 -4.17 9.07
CA ILE A 116 4.39 -5.16 8.18
C ILE A 116 5.84 -4.69 7.90
N ASN A 117 6.82 -5.58 8.02
CA ASN A 117 8.23 -5.31 7.67
C ASN A 117 8.91 -6.61 7.27
N GLU A 118 9.90 -6.53 6.36
CA GLU A 118 10.59 -7.72 5.85
C GLU A 118 10.99 -8.70 6.95
N GLU A 119 11.67 -8.19 8.01
CA GLU A 119 12.15 -8.91 9.18
C GLU A 119 11.09 -9.84 9.76
N ARG A 120 9.87 -9.31 10.01
CA ARG A 120 8.71 -10.03 10.58
C ARG A 120 8.09 -10.99 9.56
N SER A 121 8.09 -10.60 8.26
CA SER A 121 7.54 -11.40 7.17
C SER A 121 8.36 -12.68 6.90
N GLU A 122 9.56 -12.80 7.51
CA GLU A 122 10.38 -13.99 7.41
C GLU A 122 9.86 -15.04 8.36
N VAL A 123 9.28 -14.61 9.49
CA VAL A 123 8.76 -15.54 10.49
C VAL A 123 7.22 -15.72 10.44
N VAL A 124 6.44 -14.67 10.10
CA VAL A 124 4.97 -14.76 10.08
C VAL A 124 4.42 -14.32 8.72
N ASP A 125 3.17 -14.71 8.41
CA ASP A 125 2.51 -14.32 7.17
C ASP A 125 1.63 -13.16 7.54
N PHE A 126 1.60 -12.13 6.70
CA PHE A 126 0.76 -10.96 6.93
C PHE A 126 -0.42 -10.91 5.99
N SER A 127 -1.55 -10.43 6.49
CA SER A 127 -2.73 -10.20 5.68
C SER A 127 -2.41 -9.04 4.76
N VAL A 128 -3.30 -8.73 3.83
CA VAL A 128 -3.08 -7.60 2.94
C VAL A 128 -3.14 -6.26 3.81
N PRO A 129 -2.44 -5.12 3.53
CA PRO A 129 -2.54 -3.96 4.45
C PRO A 129 -3.94 -3.36 4.61
N PHE A 130 -4.29 -2.90 5.80
CA PHE A 130 -5.58 -2.25 5.98
C PHE A 130 -5.41 -0.76 6.34
N VAL A 131 -4.22 -0.36 6.79
CA VAL A 131 -3.93 1.05 7.11
C VAL A 131 -2.55 1.38 6.57
N GLU A 132 -2.42 2.50 5.85
CA GLU A 132 -1.10 2.95 5.41
C GLU A 132 -0.37 3.55 6.61
N THR A 133 0.91 3.16 6.73
CA THR A 133 1.81 3.62 7.78
C THR A 133 3.24 3.67 7.27
N GLY A 134 4.14 3.87 8.22
CA GLY A 134 5.57 3.98 8.02
C GLY A 134 6.11 4.88 9.10
N ILE A 135 7.10 5.71 8.76
CA ILE A 135 7.71 6.65 9.70
C ILE A 135 7.26 8.05 9.39
N SER A 136 6.89 8.82 10.41
CA SER A 136 6.53 10.24 10.33
C SER A 136 7.29 10.98 11.43
N VAL A 137 7.42 12.31 11.28
CA VAL A 137 8.16 13.13 12.23
C VAL A 137 7.22 14.21 12.74
N MET A 138 6.85 14.13 14.01
CA MET A 138 6.00 15.12 14.67
C MET A 138 6.89 16.14 15.36
N VAL A 139 6.52 17.43 15.25
CA VAL A 139 7.19 18.60 15.83
C VAL A 139 6.14 19.59 16.33
N SER A 140 6.58 20.64 17.04
CA SER A 140 5.68 21.72 17.41
C SER A 140 5.63 22.62 16.15
N ARG A 141 4.42 23.14 15.78
CA ARG A 141 4.24 23.99 14.59
C ARG A 141 5.24 25.16 14.59
N GLY A 142 6.30 24.97 13.82
CA GLY A 142 7.40 25.91 13.71
C GLY A 142 8.76 25.27 13.55
N THR A 143 8.90 23.96 13.88
CA THR A 143 10.21 23.32 13.74
C THR A 143 10.49 23.07 12.25
N GLN A 144 11.72 23.36 11.79
CA GLN A 144 12.14 23.20 10.40
C GLN A 144 12.94 21.91 10.13
N VAL A 145 12.25 20.91 9.55
CA VAL A 145 12.79 19.60 9.19
C VAL A 145 12.30 19.21 7.78
N THR A 146 13.23 18.85 6.88
CA THR A 146 12.92 18.44 5.49
C THR A 146 12.31 17.03 5.53
N GLY A 147 12.87 16.22 6.42
CA GLY A 147 12.51 14.82 6.64
C GLY A 147 13.59 14.14 7.44
N LEU A 148 13.60 12.79 7.43
CA LEU A 148 14.64 11.98 8.12
C LEU A 148 16.01 12.29 7.51
N SER A 149 16.03 12.70 6.22
CA SER A 149 17.19 13.09 5.40
C SER A 149 17.90 14.35 5.92
N ASP A 150 17.27 15.10 6.87
CA ASP A 150 17.86 16.32 7.43
C ASP A 150 19.20 16.09 8.14
N LYS A 151 20.19 16.95 7.87
CA LYS A 151 21.50 16.87 8.52
C LYS A 151 21.35 17.08 10.04
N LYS A 152 20.20 17.67 10.48
CA LYS A 152 19.89 17.84 11.91
C LYS A 152 19.71 16.47 12.50
N PHE A 153 19.22 15.48 11.70
CA PHE A 153 19.00 14.09 12.09
C PHE A 153 20.20 13.20 11.74
N GLN A 154 20.64 13.24 10.45
CA GLN A 154 21.75 12.44 9.92
C GLN A 154 23.09 12.68 10.64
N ARG A 155 23.35 13.97 11.02
CA ARG A 155 24.59 14.44 11.65
C ARG A 155 24.23 15.41 12.83
N PRO A 156 23.75 14.90 13.99
CA PRO A 156 23.21 15.79 15.02
C PRO A 156 24.21 16.63 15.80
N HIS A 157 25.49 16.23 15.77
CA HIS A 157 26.54 16.95 16.46
C HIS A 157 27.18 18.05 15.60
N ASP A 158 26.76 18.17 14.33
CA ASP A 158 27.19 19.23 13.41
C ASP A 158 26.55 20.55 13.83
N TYR A 159 25.47 20.45 14.63
CA TYR A 159 24.65 21.56 15.09
C TYR A 159 24.87 21.78 16.58
N SER A 160 24.97 23.07 16.97
CA SER A 160 25.21 23.46 18.35
C SER A 160 24.21 24.51 18.84
N PRO A 161 23.38 24.12 19.86
CA PRO A 161 23.37 22.81 20.52
C PRO A 161 22.66 21.72 19.67
N PRO A 162 22.98 20.41 19.88
CA PRO A 162 22.38 19.35 19.03
C PRO A 162 20.86 19.24 19.10
N PHE A 163 20.26 18.71 18.04
CA PHE A 163 18.82 18.56 17.92
C PHE A 163 18.35 17.41 18.78
N ARG A 164 17.22 17.59 19.48
CA ARG A 164 16.73 16.57 20.39
C ARG A 164 15.63 15.79 19.73
N PHE A 165 15.84 14.49 19.55
CA PHE A 165 14.85 13.63 18.88
C PHE A 165 14.90 12.19 19.35
N GLY A 166 13.71 11.64 19.49
CA GLY A 166 13.60 10.29 19.96
C GLY A 166 12.43 9.55 19.37
N THR A 167 12.36 8.26 19.76
CA THR A 167 11.33 7.31 19.39
C THR A 167 10.95 6.46 20.62
N VAL A 168 10.01 5.51 20.42
CA VAL A 168 9.64 4.54 21.45
C VAL A 168 10.33 3.29 20.93
N PRO A 169 11.39 2.82 21.62
CA PRO A 169 12.15 1.67 21.08
C PRO A 169 11.39 0.35 20.94
N ASN A 170 12.10 -0.65 20.36
CA ASN A 170 11.72 -2.06 20.18
C ASN A 170 10.55 -2.29 19.21
N GLY A 171 10.33 -1.33 18.32
CA GLY A 171 9.29 -1.38 17.31
C GLY A 171 9.87 -1.20 15.93
N SER A 172 9.01 -1.25 14.91
CA SER A 172 9.45 -1.13 13.53
C SER A 172 10.23 0.18 13.26
N THR A 173 9.81 1.32 13.87
CA THR A 173 10.53 2.59 13.66
C THR A 173 12.01 2.43 14.04
N GLU A 174 12.31 2.05 15.32
CA GLU A 174 13.67 1.82 15.78
C GLU A 174 14.42 0.83 14.90
N ARG A 175 13.78 -0.25 14.45
CA ARG A 175 14.47 -1.19 13.56
C ARG A 175 14.84 -0.52 12.22
N ASN A 176 13.92 0.28 11.65
CA ASN A 176 14.16 0.97 10.40
C ASN A 176 15.31 1.99 10.47
N ILE A 177 15.38 2.75 11.59
CA ILE A 177 16.45 3.74 11.84
C ILE A 177 17.77 3.05 12.11
N ARG A 178 17.76 1.95 12.91
CA ARG A 178 18.96 1.16 13.21
C ARG A 178 19.52 0.63 11.90
N ASN A 179 18.65 0.02 11.08
CA ASN A 179 18.99 -0.54 9.78
C ASN A 179 19.61 0.46 8.78
N ASN A 180 19.05 1.66 8.65
CA ASN A 180 19.48 2.62 7.63
C ASN A 180 20.43 3.70 8.08
N TYR A 181 20.23 4.30 9.27
CA TYR A 181 21.07 5.41 9.73
C TYR A 181 21.75 5.06 11.03
N PRO A 182 22.91 4.36 10.97
CA PRO A 182 23.59 3.98 12.22
C PRO A 182 24.00 5.14 13.13
N TYR A 183 24.48 6.28 12.58
CA TYR A 183 24.89 7.43 13.42
C TYR A 183 23.70 8.10 14.14
N MET A 184 22.58 8.29 13.44
CA MET A 184 21.33 8.86 13.96
C MET A 184 20.81 7.95 15.08
N HIS A 185 20.78 6.62 14.83
CA HIS A 185 20.34 5.66 15.83
C HIS A 185 21.10 5.84 17.13
N GLN A 186 22.43 5.63 17.12
CA GLN A 186 23.27 5.75 18.33
C GLN A 186 23.05 7.08 19.07
N TYR A 187 22.76 8.17 18.32
CA TYR A 187 22.47 9.49 18.90
C TYR A 187 21.07 9.50 19.58
N MET A 188 20.05 8.93 18.90
CA MET A 188 18.65 8.90 19.35
C MET A 188 18.41 8.21 20.68
N THR A 189 19.13 7.10 20.94
CA THR A 189 18.97 6.23 22.11
C THR A 189 18.85 6.99 23.45
N LYS A 190 19.63 8.08 23.62
CA LYS A 190 19.60 8.89 24.86
C LYS A 190 18.26 9.62 25.04
N PHE A 191 17.45 9.67 23.96
CA PHE A 191 16.12 10.31 23.96
C PHE A 191 14.98 9.30 23.81
N ASN A 192 15.21 8.05 24.18
CA ASN A 192 14.19 7.02 24.13
C ASN A 192 13.00 7.35 25.01
N GLN A 193 11.80 7.27 24.43
CA GLN A 193 10.55 7.57 25.09
C GLN A 193 9.86 6.27 25.54
N LYS A 194 9.26 6.26 26.76
CA LYS A 194 8.55 5.09 27.32
C LYS A 194 7.37 4.64 26.41
N GLY A 195 6.64 5.65 25.91
CA GLY A 195 5.49 5.53 25.03
C GLY A 195 5.18 6.86 24.38
N VAL A 196 4.08 6.91 23.61
CA VAL A 196 3.64 8.06 22.85
C VAL A 196 3.26 9.27 23.73
N GLU A 197 2.51 9.05 24.84
CA GLU A 197 2.09 10.14 25.74
C GLU A 197 3.25 10.87 26.38
N ASP A 198 4.30 10.15 26.77
CA ASP A 198 5.49 10.78 27.31
C ASP A 198 6.09 11.75 26.26
N ALA A 199 6.35 11.23 25.04
CA ALA A 199 6.88 11.98 23.92
C ALA A 199 6.05 13.19 23.51
N LEU A 200 4.69 13.10 23.57
CA LEU A 200 3.85 14.26 23.21
C LEU A 200 3.96 15.37 24.27
N VAL A 201 4.17 14.97 25.54
CA VAL A 201 4.39 15.86 26.69
C VAL A 201 5.81 16.44 26.56
N SER A 202 6.86 15.58 26.41
CA SER A 202 8.25 15.99 26.21
C SER A 202 8.32 16.96 25.06
N LEU A 203 7.45 16.79 24.04
CA LEU A 203 7.35 17.72 22.92
C LEU A 203 6.72 19.06 23.37
N LYS A 204 5.44 19.04 23.80
CA LYS A 204 4.65 20.21 24.24
C LYS A 204 5.30 21.04 25.36
N THR A 205 6.08 20.38 26.23
CA THR A 205 6.78 21.01 27.35
C THR A 205 8.24 21.33 26.97
N GLY A 206 8.51 21.45 25.67
CA GLY A 206 9.83 21.80 25.14
C GLY A 206 11.02 20.92 25.48
N LYS A 207 10.82 19.81 26.22
CA LYS A 207 11.87 18.85 26.62
C LYS A 207 12.39 17.94 25.46
N LEU A 208 11.75 18.01 24.26
CA LEU A 208 12.11 17.25 23.05
C LEU A 208 11.72 18.08 21.84
N ASP A 209 12.61 18.14 20.82
CA ASP A 209 12.37 18.98 19.63
C ASP A 209 11.61 18.26 18.51
N ALA A 210 11.68 16.91 18.45
CA ALA A 210 10.97 16.10 17.46
C ALA A 210 10.80 14.66 17.93
N PHE A 211 9.65 14.03 17.63
CA PHE A 211 9.37 12.65 17.98
C PHE A 211 9.13 11.85 16.71
N ILE A 212 10.08 10.93 16.41
CA ILE A 212 10.02 10.03 15.27
C ILE A 212 9.23 8.78 15.70
N TYR A 213 8.14 8.48 14.96
CA TYR A 213 7.24 7.37 15.27
C TYR A 213 6.39 6.98 14.04
N ASP A 214 5.62 5.86 14.18
CA ASP A 214 4.63 5.29 13.28
C ASP A 214 3.73 6.36 12.75
N ALA A 215 3.66 6.42 11.43
CA ALA A 215 2.88 7.37 10.63
C ALA A 215 1.41 7.42 10.98
N ALA A 216 0.70 6.28 10.97
CA ALA A 216 -0.73 6.27 11.24
C ALA A 216 -1.11 6.80 12.64
N VAL A 217 -0.31 6.47 13.68
CA VAL A 217 -0.56 6.96 15.05
C VAL A 217 -0.21 8.45 15.15
N LEU A 218 0.95 8.87 14.62
CA LEU A 218 1.34 10.28 14.58
C LEU A 218 0.35 11.14 13.81
N ASN A 219 -0.19 10.61 12.68
CA ASN A 219 -1.16 11.37 11.89
C ASN A 219 -2.46 11.55 12.69
N TYR A 220 -2.90 10.48 13.39
CA TYR A 220 -4.08 10.53 14.25
C TYR A 220 -3.87 11.53 15.43
N LYS A 221 -2.68 11.58 16.01
CA LYS A 221 -2.37 12.44 17.13
C LYS A 221 -2.37 13.93 16.74
N ALA A 222 -1.88 14.26 15.52
CA ALA A 222 -1.86 15.63 15.01
C ALA A 222 -3.30 16.18 14.88
N GLY A 223 -4.15 15.46 14.15
CA GLY A 223 -5.55 15.81 13.89
C GLY A 223 -6.43 16.00 15.10
N ARG A 224 -6.11 15.29 16.21
CA ARG A 224 -6.84 15.36 17.47
C ARG A 224 -6.14 16.22 18.53
N ASP A 225 -5.08 16.96 18.15
CA ASP A 225 -4.31 17.78 19.11
C ASP A 225 -5.06 19.03 19.64
N GLU A 226 -5.08 19.19 21.00
CA GLU A 226 -5.68 20.34 21.70
C GLU A 226 -4.92 21.65 21.37
N GLY A 227 -5.54 22.50 20.54
CA GLY A 227 -4.95 23.75 20.09
C GLY A 227 -4.14 23.64 18.81
N CYS A 228 -4.03 22.39 18.28
CA CYS A 228 -3.33 22.01 17.05
C CYS A 228 -1.87 22.55 16.95
N LYS A 229 -1.13 22.32 18.04
CA LYS A 229 0.26 22.74 18.22
C LYS A 229 1.20 21.70 17.68
N LEU A 230 0.91 20.40 17.88
CA LEU A 230 1.77 19.31 17.38
C LEU A 230 1.37 18.97 15.95
N VAL A 231 2.38 18.79 15.06
CA VAL A 231 2.19 18.53 13.61
C VAL A 231 3.17 17.48 13.05
N THR A 232 2.73 16.74 12.02
CA THR A 232 3.56 15.78 11.29
C THR A 232 4.19 16.49 10.08
N ILE A 233 5.55 16.42 9.94
CA ILE A 233 6.33 17.14 8.92
C ILE A 233 5.94 16.70 7.51
N GLY A 234 6.08 17.66 6.59
CA GLY A 234 5.54 17.57 5.24
C GLY A 234 4.09 17.90 5.47
N SER A 235 3.17 17.23 4.79
CA SER A 235 1.75 17.47 5.08
C SER A 235 1.19 16.18 5.74
N GLY A 236 2.09 15.47 6.44
CA GLY A 236 1.83 14.19 7.07
C GLY A 236 2.50 13.11 6.25
N TYR A 237 3.72 13.42 5.76
CA TYR A 237 4.59 12.62 4.89
C TYR A 237 5.12 11.39 5.59
N ILE A 238 5.03 10.25 4.87
CA ILE A 238 5.44 8.93 5.31
C ILE A 238 6.69 8.48 4.56
N PHE A 239 7.73 8.02 5.31
CA PHE A 239 9.03 7.50 4.84
C PHE A 239 9.03 6.02 5.20
N ALA A 240 9.66 5.16 4.35
CA ALA A 240 9.71 3.70 4.48
C ALA A 240 8.26 3.15 4.58
N THR A 241 7.43 3.60 3.63
CA THR A 241 6.00 3.35 3.56
C THR A 241 5.69 1.85 3.59
N THR A 242 4.72 1.51 4.45
CA THR A 242 4.28 0.15 4.72
C THR A 242 2.82 0.24 5.15
N GLY A 243 2.33 -0.75 5.89
CA GLY A 243 0.96 -0.76 6.36
C GLY A 243 0.75 -1.64 7.57
N TYR A 244 -0.49 -1.59 8.10
CA TYR A 244 -0.90 -2.43 9.19
C TYR A 244 -1.51 -3.69 8.58
N GLY A 245 -0.99 -4.84 8.98
CA GLY A 245 -1.45 -6.14 8.54
C GLY A 245 -1.77 -7.04 9.70
N ILE A 246 -2.64 -8.03 9.43
CA ILE A 246 -3.01 -9.05 10.41
C ILE A 246 -1.92 -10.13 10.33
N ALA A 247 -1.21 -10.39 11.46
CA ALA A 247 -0.17 -11.41 11.53
C ALA A 247 -0.87 -12.75 11.67
N LEU A 248 -0.43 -13.74 10.89
CA LEU A 248 -0.97 -15.11 10.82
C LEU A 248 0.24 -16.04 10.78
N GLN A 249 0.10 -17.27 11.28
CA GLN A 249 1.20 -18.28 11.25
C GLN A 249 1.64 -18.61 9.82
N LYS A 250 2.95 -18.85 9.57
CA LYS A 250 3.46 -19.20 8.24
C LYS A 250 2.77 -20.45 7.71
N GLY A 251 2.20 -20.34 6.52
CA GLY A 251 1.46 -21.41 5.87
C GLY A 251 0.05 -21.58 6.38
N SER A 252 -0.48 -20.57 7.08
CA SER A 252 -1.82 -20.52 7.67
C SER A 252 -2.92 -20.78 6.63
N PRO A 253 -3.99 -21.51 7.01
CA PRO A 253 -5.12 -21.68 6.07
C PRO A 253 -6.07 -20.47 6.04
N TRP A 254 -5.99 -19.53 7.03
CA TRP A 254 -6.89 -18.36 7.15
C TRP A 254 -6.52 -17.18 6.27
N LYS A 255 -5.26 -17.15 5.78
CA LYS A 255 -4.71 -16.07 4.97
C LYS A 255 -5.61 -15.63 3.81
N ARG A 256 -6.04 -16.60 2.98
CA ARG A 256 -6.87 -16.43 1.78
C ARG A 256 -8.20 -15.76 2.13
N GLN A 257 -8.91 -16.39 3.06
CA GLN A 257 -10.22 -16.02 3.55
C GLN A 257 -10.16 -14.61 4.13
N ILE A 258 -9.10 -14.30 4.87
CA ILE A 258 -8.92 -12.97 5.47
C ILE A 258 -8.53 -11.92 4.41
N ASP A 259 -7.64 -12.26 3.47
CA ASP A 259 -7.23 -11.32 2.42
C ASP A 259 -8.37 -10.92 1.55
N LEU A 260 -9.21 -11.87 1.16
CA LEU A 260 -10.32 -11.59 0.26
C LEU A 260 -11.38 -10.76 0.94
N ALA A 261 -11.63 -11.06 2.25
CA ALA A 261 -12.57 -10.26 3.06
C ALA A 261 -12.03 -8.82 3.19
N LEU A 262 -10.76 -8.65 3.61
CA LEU A 262 -10.17 -7.32 3.74
C LEU A 262 -10.25 -6.53 2.42
N LEU A 263 -9.97 -7.19 1.29
CA LEU A 263 -10.08 -6.59 -0.03
C LEU A 263 -11.55 -6.24 -0.33
N GLN A 264 -12.52 -7.06 0.13
CA GLN A 264 -13.94 -6.72 -0.04
C GLN A 264 -14.27 -5.42 0.74
N PHE A 265 -13.91 -5.34 2.04
CA PHE A 265 -14.09 -4.18 2.94
C PHE A 265 -13.49 -2.88 2.37
N VAL A 266 -12.41 -2.97 1.56
CA VAL A 266 -11.81 -1.79 0.95
C VAL A 266 -12.70 -1.34 -0.21
N GLY A 267 -13.16 -2.31 -1.00
CA GLY A 267 -14.03 -2.10 -2.16
C GLY A 267 -15.44 -1.64 -1.86
N ASP A 268 -16.09 -2.27 -0.85
CA ASP A 268 -17.43 -2.02 -0.31
C ASP A 268 -17.60 -0.60 0.25
N GLY A 269 -16.53 -0.01 0.75
CA GLY A 269 -16.57 1.27 1.43
C GLY A 269 -16.61 1.09 2.94
N GLU A 270 -16.66 -0.19 3.39
CA GLU A 270 -16.66 -0.58 4.81
C GLU A 270 -15.39 -0.11 5.52
N MET A 271 -14.25 -0.04 4.80
CA MET A 271 -13.00 0.45 5.33
C MET A 271 -13.01 1.96 5.45
N GLU A 272 -13.49 2.69 4.39
CA GLU A 272 -13.56 4.15 4.46
C GLU A 272 -14.50 4.57 5.57
N GLU A 273 -15.50 3.71 5.86
CA GLU A 273 -16.46 3.95 6.93
C GLU A 273 -15.69 3.92 8.24
N LEU A 274 -14.90 2.83 8.50
CA LEU A 274 -14.09 2.66 9.70
C LEU A 274 -13.14 3.83 9.97
N GLU A 275 -12.57 4.40 8.89
CA GLU A 275 -11.68 5.55 8.95
C GLU A 275 -12.43 6.84 9.38
N THR A 276 -13.71 6.97 8.99
CA THR A 276 -14.55 8.11 9.33
C THR A 276 -14.88 8.08 10.82
N LEU A 277 -15.21 6.88 11.35
CA LEU A 277 -15.63 6.68 12.73
C LEU A 277 -14.53 6.85 13.75
N TRP A 278 -13.34 6.28 13.45
CA TRP A 278 -12.17 6.18 14.32
C TRP A 278 -10.98 7.09 14.07
N LEU A 279 -10.61 7.36 12.78
CA LEU A 279 -9.36 8.04 12.43
C LEU A 279 -9.44 9.52 12.10
N THR A 280 -10.55 9.98 11.49
CA THR A 280 -10.73 11.40 11.11
C THR A 280 -10.49 12.36 12.29
N GLY A 281 -9.86 13.49 12.00
CA GLY A 281 -9.54 14.47 13.03
C GLY A 281 -10.03 15.86 12.74
N ILE A 282 -9.88 16.76 13.74
CA ILE A 282 -10.28 18.17 13.68
C ILE A 282 -9.27 19.00 12.85
N CYS A 283 -8.01 19.16 13.38
CA CYS A 283 -6.89 19.95 12.82
C CYS A 283 -6.63 19.68 11.35
N MET B 3 14.69 -26.32 -22.67
CA MET B 3 15.34 -25.96 -21.40
C MET B 3 15.08 -24.50 -21.09
N SER B 4 14.81 -24.20 -19.78
CA SER B 4 14.56 -22.85 -19.21
C SER B 4 14.13 -22.88 -17.75
N THR B 5 14.46 -21.79 -17.07
CA THR B 5 14.12 -21.34 -15.71
C THR B 5 14.01 -19.81 -15.86
N ARG B 6 13.96 -19.38 -17.15
CA ARG B 6 13.86 -18.01 -17.66
C ARG B 6 12.37 -17.59 -17.55
N LEU B 7 12.09 -16.65 -16.63
CA LEU B 7 10.77 -16.16 -16.29
C LEU B 7 10.11 -15.34 -17.38
N LYS B 8 8.91 -15.75 -17.78
CA LYS B 8 8.12 -15.05 -18.79
C LYS B 8 7.43 -13.86 -18.08
N ILE B 9 7.85 -12.63 -18.44
CA ILE B 9 7.34 -11.43 -17.79
C ILE B 9 6.41 -10.70 -18.70
N VAL B 10 5.10 -10.74 -18.40
CA VAL B 10 4.11 -9.97 -19.13
C VAL B 10 4.02 -8.60 -18.48
N THR B 11 3.92 -7.57 -19.33
CA THR B 11 3.80 -6.19 -18.92
C THR B 11 2.86 -5.49 -19.91
N ILE B 12 2.56 -4.24 -19.63
CA ILE B 12 1.72 -3.39 -20.45
C ILE B 12 2.47 -2.07 -20.63
N HIS B 13 2.02 -1.25 -21.56
CA HIS B 13 2.56 0.07 -21.79
C HIS B 13 1.69 0.93 -20.91
N GLN B 14 2.33 1.69 -20.00
CA GLN B 14 1.67 2.61 -19.07
C GLN B 14 2.72 3.55 -18.51
N GLU B 15 2.76 4.79 -19.04
CA GLU B 15 3.75 5.77 -18.58
C GLU B 15 3.30 6.31 -17.21
N PRO B 16 4.20 6.48 -16.21
CA PRO B 16 5.67 6.35 -16.27
C PRO B 16 6.20 5.00 -15.81
N PHE B 17 5.31 3.99 -15.70
CA PHE B 17 5.65 2.65 -15.18
C PHE B 17 6.39 1.81 -16.19
N VAL B 18 5.88 1.75 -17.44
CA VAL B 18 6.46 1.02 -18.56
C VAL B 18 6.36 1.88 -19.82
N TYR B 19 7.50 2.42 -20.27
CA TYR B 19 7.64 3.18 -21.52
C TYR B 19 8.07 2.12 -22.52
N VAL B 20 7.42 2.11 -23.67
CA VAL B 20 7.75 1.18 -24.75
C VAL B 20 8.10 2.02 -25.98
N LYS B 21 9.28 1.74 -26.57
CA LYS B 21 9.84 2.45 -27.74
C LYS B 21 10.47 1.46 -28.73
N PRO B 22 10.70 1.80 -30.03
CA PRO B 22 11.31 0.81 -30.95
C PRO B 22 12.80 0.54 -30.70
N THR B 23 13.26 -0.68 -31.04
CA THR B 23 14.68 -1.00 -30.95
C THR B 23 15.33 -0.26 -32.10
N LEU B 24 16.66 -0.09 -32.08
CA LEU B 24 17.36 0.53 -33.18
C LEU B 24 17.52 -0.48 -34.33
N SER B 25 18.15 -0.06 -35.45
CA SER B 25 18.32 -0.91 -36.62
C SER B 25 19.11 -2.22 -36.36
N ASP B 26 19.97 -2.26 -35.33
CA ASP B 26 20.73 -3.45 -34.92
C ASP B 26 19.95 -4.32 -33.91
N GLY B 27 18.76 -3.83 -33.52
CA GLY B 27 17.87 -4.46 -32.56
C GLY B 27 18.24 -4.19 -31.11
N THR B 28 19.01 -3.11 -30.86
CA THR B 28 19.47 -2.74 -29.52
C THR B 28 18.75 -1.50 -29.03
N CYS B 29 18.90 -1.18 -27.72
CA CYS B 29 18.24 -0.03 -27.10
C CYS B 29 19.14 1.20 -26.98
N LYS B 30 18.56 2.39 -27.31
CA LYS B 30 19.17 3.73 -27.26
C LYS B 30 19.72 3.99 -25.86
N GLU B 31 20.92 4.58 -25.77
CA GLU B 31 21.55 4.90 -24.50
C GLU B 31 20.99 6.25 -24.05
N GLU B 32 20.06 6.19 -23.07
CA GLU B 32 19.40 7.35 -22.49
C GLU B 32 19.89 7.52 -21.07
N PHE B 33 19.90 8.77 -20.57
CA PHE B 33 20.36 9.07 -19.21
C PHE B 33 19.29 9.85 -18.47
N THR B 34 19.14 9.55 -17.16
CA THR B 34 18.15 10.13 -16.23
C THR B 34 18.37 11.63 -15.95
N VAL B 35 17.48 12.22 -15.10
CA VAL B 35 17.59 13.63 -14.67
C VAL B 35 18.95 13.86 -13.97
N ASN B 36 19.34 12.92 -13.07
CA ASN B 36 20.58 12.85 -12.31
C ASN B 36 21.78 12.85 -13.28
N GLY B 37 21.68 12.00 -14.31
CA GLY B 37 22.72 11.78 -15.32
C GLY B 37 23.14 10.32 -15.39
N ASP B 38 22.49 9.47 -14.55
CA ASP B 38 22.70 8.02 -14.47
C ASP B 38 22.02 7.30 -15.63
N PRO B 39 22.59 6.21 -16.17
CA PRO B 39 21.96 5.54 -17.31
C PRO B 39 20.60 4.86 -17.03
N VAL B 40 19.63 5.09 -17.94
CA VAL B 40 18.30 4.48 -17.90
C VAL B 40 18.48 3.00 -18.23
N LYS B 41 18.01 2.11 -17.34
CA LYS B 41 18.08 0.66 -17.51
C LYS B 41 16.99 0.26 -18.50
N LYS B 42 17.35 -0.53 -19.55
CA LYS B 42 16.37 -0.89 -20.58
C LYS B 42 16.37 -2.38 -20.88
N VAL B 43 15.18 -2.94 -21.11
CA VAL B 43 15.02 -4.34 -21.45
C VAL B 43 14.35 -4.46 -22.79
N ILE B 44 14.50 -5.63 -23.42
CA ILE B 44 13.87 -5.96 -24.69
C ILE B 44 12.58 -6.65 -24.31
N CYS B 45 11.49 -6.23 -24.95
CA CYS B 45 10.14 -6.76 -24.77
C CYS B 45 9.52 -7.13 -26.12
N THR B 46 9.24 -8.43 -26.27
CA THR B 46 8.69 -9.07 -27.46
C THR B 46 7.16 -9.03 -27.52
N GLY B 47 6.61 -7.86 -27.85
CA GLY B 47 5.18 -7.65 -28.00
C GLY B 47 4.74 -7.56 -29.45
N PRO B 48 3.42 -7.45 -29.75
CA PRO B 48 3.00 -7.36 -31.17
C PRO B 48 3.13 -5.95 -31.75
N ASN B 49 2.79 -5.77 -33.05
CA ASN B 49 2.86 -4.46 -33.71
C ASN B 49 1.49 -3.92 -34.15
N ASP B 50 0.60 -4.80 -34.67
CA ASP B 50 -0.75 -4.40 -35.09
C ASP B 50 -1.62 -4.13 -33.86
N THR B 51 -1.87 -2.85 -33.56
CA THR B 51 -2.65 -2.43 -32.39
C THR B 51 -4.18 -2.67 -32.53
N SER B 52 -4.64 -3.01 -33.76
CA SER B 52 -6.04 -3.26 -34.11
C SER B 52 -6.65 -4.51 -33.46
N PRO B 53 -7.93 -4.45 -32.99
CA PRO B 53 -8.55 -5.65 -32.38
C PRO B 53 -9.04 -6.66 -33.42
N GLY B 54 -8.83 -7.95 -33.12
CA GLY B 54 -9.19 -9.06 -34.00
C GLY B 54 -8.30 -9.12 -35.23
N SER B 55 -7.03 -8.74 -35.06
CA SER B 55 -6.08 -8.68 -36.14
C SER B 55 -4.90 -9.61 -35.89
N PRO B 56 -4.11 -10.02 -36.95
CA PRO B 56 -2.95 -10.89 -36.71
C PRO B 56 -1.83 -10.19 -35.92
N ARG B 57 -1.43 -10.82 -34.79
CA ARG B 57 -0.38 -10.33 -33.90
C ARG B 57 0.98 -10.76 -34.44
N HIS B 58 1.74 -9.82 -35.00
CA HIS B 58 3.10 -10.09 -35.47
C HIS B 58 4.08 -9.56 -34.39
N THR B 59 4.69 -10.50 -33.62
CA THR B 59 5.62 -10.25 -32.51
C THR B 59 6.91 -9.62 -33.03
N VAL B 60 7.34 -8.51 -32.40
CA VAL B 60 8.55 -7.75 -32.76
C VAL B 60 9.26 -7.25 -31.49
N PRO B 61 10.60 -7.40 -31.38
CA PRO B 61 11.30 -6.85 -30.20
C PRO B 61 11.23 -5.32 -30.11
N GLN B 62 10.95 -4.80 -28.90
CA GLN B 62 10.81 -3.37 -28.57
C GLN B 62 11.63 -3.03 -27.32
N CYS B 63 11.87 -1.73 -27.07
CA CYS B 63 12.62 -1.20 -25.94
C CYS B 63 11.71 -0.81 -24.77
N CYS B 64 11.81 -1.58 -23.67
CA CYS B 64 11.03 -1.39 -22.45
C CYS B 64 11.87 -0.82 -21.33
N TYR B 65 11.38 0.26 -20.74
CA TYR B 65 12.03 0.91 -19.61
C TYR B 65 10.98 1.64 -18.77
N GLY B 66 11.30 1.95 -17.51
CA GLY B 66 10.38 2.64 -16.60
C GLY B 66 10.41 2.06 -15.21
N PHE B 67 9.62 2.66 -14.30
CA PHE B 67 9.51 2.25 -12.88
C PHE B 67 9.46 0.73 -12.70
N CYS B 68 8.54 0.10 -13.44
CA CYS B 68 8.31 -1.32 -13.34
C CYS B 68 9.45 -2.15 -13.91
N ILE B 69 10.28 -1.56 -14.79
CA ILE B 69 11.43 -2.28 -15.34
C ILE B 69 12.60 -2.27 -14.33
N ASP B 70 12.83 -1.10 -13.68
CA ASP B 70 13.83 -0.92 -12.62
C ASP B 70 13.52 -1.87 -11.49
N LEU B 71 12.23 -1.91 -11.07
CA LEU B 71 11.72 -2.84 -10.05
C LEU B 71 11.92 -4.32 -10.47
N LEU B 72 11.66 -4.67 -11.76
CA LEU B 72 11.88 -6.05 -12.23
C LEU B 72 13.38 -6.44 -12.19
N ILE B 73 14.26 -5.51 -12.66
CA ILE B 73 15.71 -5.67 -12.65
C ILE B 73 16.11 -5.87 -11.22
N LYS B 74 15.48 -5.15 -10.27
CA LYS B 74 15.76 -5.29 -8.85
C LYS B 74 15.35 -6.67 -8.32
N LEU B 75 14.11 -7.09 -8.59
CA LEU B 75 13.62 -8.38 -8.13
C LEU B 75 14.45 -9.50 -8.74
N ALA B 76 14.97 -9.27 -9.95
CA ALA B 76 15.80 -10.25 -10.62
C ALA B 76 17.14 -10.36 -9.88
N ARG B 77 17.96 -9.27 -9.86
CA ARG B 77 19.26 -9.24 -9.17
C ARG B 77 19.18 -9.90 -7.78
N THR B 78 18.35 -9.31 -6.87
CA THR B 78 18.03 -9.72 -5.51
C THR B 78 17.77 -11.22 -5.35
N MET B 79 16.73 -11.75 -6.02
CA MET B 79 16.34 -13.16 -5.90
C MET B 79 17.13 -14.12 -6.77
N ASN B 80 17.96 -13.59 -7.70
CA ASN B 80 18.77 -14.32 -8.68
C ASN B 80 17.91 -15.21 -9.61
N PHE B 81 17.37 -14.58 -10.66
CA PHE B 81 16.57 -15.21 -11.70
C PHE B 81 16.78 -14.49 -13.02
N THR B 82 16.49 -15.18 -14.12
CA THR B 82 16.63 -14.65 -15.47
C THR B 82 15.25 -14.53 -16.02
N TYR B 83 15.07 -13.58 -16.91
CA TYR B 83 13.76 -13.29 -17.42
C TYR B 83 13.75 -12.93 -18.90
N GLU B 84 12.56 -13.04 -19.52
CA GLU B 84 12.27 -12.54 -20.86
C GLU B 84 10.98 -11.71 -20.79
N VAL B 85 11.07 -10.44 -21.20
CA VAL B 85 9.94 -9.52 -21.11
C VAL B 85 9.21 -9.52 -22.44
N HIS B 86 7.88 -9.53 -22.38
CA HIS B 86 6.95 -9.46 -23.51
C HIS B 86 5.78 -8.64 -23.09
N LEU B 87 5.16 -7.95 -24.07
CA LEU B 87 4.00 -7.11 -23.81
C LEU B 87 2.71 -7.90 -23.95
N VAL B 88 1.67 -7.52 -23.18
CA VAL B 88 0.37 -8.20 -23.22
C VAL B 88 -0.21 -8.17 -24.65
N ALA B 89 -0.31 -9.34 -25.28
CA ALA B 89 -0.80 -9.50 -26.66
C ALA B 89 -2.08 -8.71 -26.99
N ASP B 90 -3.05 -8.64 -26.07
CA ASP B 90 -4.26 -7.89 -26.32
C ASP B 90 -4.28 -6.45 -25.74
N GLY B 91 -3.15 -6.00 -25.19
CA GLY B 91 -3.01 -4.67 -24.58
C GLY B 91 -3.89 -4.37 -23.37
N LYS B 92 -4.46 -5.41 -22.73
CA LYS B 92 -5.37 -5.26 -21.58
C LYS B 92 -4.78 -5.71 -20.24
N PHE B 93 -5.33 -5.18 -19.13
CA PHE B 93 -4.89 -5.51 -17.76
C PHE B 93 -5.45 -6.84 -17.34
N GLY B 94 -6.78 -6.97 -17.38
CA GLY B 94 -7.45 -8.20 -17.03
C GLY B 94 -8.77 -8.07 -16.29
N THR B 95 -9.81 -8.68 -16.84
CA THR B 95 -11.15 -8.75 -16.27
C THR B 95 -11.64 -10.12 -16.61
N GLN B 96 -12.63 -10.62 -15.87
CA GLN B 96 -13.18 -11.94 -16.15
C GLN B 96 -14.52 -11.76 -16.85
N GLU B 97 -14.61 -12.29 -18.08
CA GLU B 97 -15.80 -12.17 -18.88
C GLU B 97 -16.47 -13.54 -19.16
N ARG B 98 -17.77 -13.50 -19.46
CA ARG B 98 -18.56 -14.69 -19.78
C ARG B 98 -18.20 -15.14 -21.20
N VAL B 99 -17.86 -16.43 -21.36
CA VAL B 99 -17.54 -17.01 -22.67
C VAL B 99 -18.82 -17.63 -23.26
N ASN B 103 -21.67 -20.17 -20.55
CA ASN B 103 -21.59 -20.34 -19.09
C ASN B 103 -20.20 -20.03 -18.53
N LYS B 104 -19.17 -20.86 -18.90
CA LYS B 104 -17.76 -20.73 -18.47
C LYS B 104 -17.17 -19.31 -18.61
N LYS B 105 -16.37 -18.90 -17.62
CA LYS B 105 -15.73 -17.58 -17.57
C LYS B 105 -14.24 -17.69 -17.78
N GLU B 106 -13.64 -16.64 -18.38
CA GLU B 106 -12.20 -16.58 -18.68
C GLU B 106 -11.65 -15.16 -18.45
N TRP B 107 -10.35 -15.07 -18.13
CA TRP B 107 -9.71 -13.75 -17.94
C TRP B 107 -9.04 -13.23 -19.21
N ASN B 108 -9.19 -11.93 -19.46
CA ASN B 108 -8.49 -11.31 -20.57
C ASN B 108 -7.17 -10.67 -20.06
N GLY B 109 -6.47 -9.97 -20.95
CA GLY B 109 -5.21 -9.29 -20.67
C GLY B 109 -4.16 -10.13 -19.98
N MET B 110 -3.29 -9.43 -19.20
CA MET B 110 -2.19 -9.97 -18.37
C MET B 110 -2.67 -11.08 -17.43
N MET B 111 -3.85 -10.89 -16.81
CA MET B 111 -4.51 -11.86 -15.94
C MET B 111 -4.75 -13.16 -16.70
N GLY B 112 -5.24 -13.05 -17.94
CA GLY B 112 -5.44 -14.22 -18.79
C GLY B 112 -4.11 -14.88 -19.10
N GLU B 113 -3.14 -14.08 -19.53
CA GLU B 113 -1.78 -14.51 -19.84
C GLU B 113 -1.10 -15.28 -18.68
N LEU B 114 -1.16 -14.74 -17.43
CA LEU B 114 -0.60 -15.36 -16.23
C LEU B 114 -1.21 -16.72 -15.92
N LEU B 115 -2.55 -16.78 -15.91
CA LEU B 115 -3.36 -17.98 -15.62
C LEU B 115 -3.27 -19.09 -16.70
N SER B 116 -2.98 -18.70 -17.97
CA SER B 116 -2.85 -19.59 -19.13
C SER B 116 -1.44 -20.21 -19.31
N GLY B 117 -0.46 -19.68 -18.57
CA GLY B 117 0.93 -20.12 -18.61
C GLY B 117 1.80 -19.28 -19.53
N GLN B 118 1.19 -18.40 -20.36
CA GLN B 118 1.88 -17.52 -21.32
C GLN B 118 2.93 -16.62 -20.64
N ALA B 119 2.74 -16.35 -19.33
CA ALA B 119 3.62 -15.55 -18.46
C ALA B 119 3.71 -16.20 -17.09
N ASP B 120 4.87 -16.14 -16.44
CA ASP B 120 5.07 -16.70 -15.09
C ASP B 120 4.96 -15.61 -13.98
N MET B 121 4.92 -14.32 -14.40
CA MET B 121 4.84 -13.17 -13.50
C MET B 121 4.41 -11.87 -14.24
N ILE B 122 3.68 -10.97 -13.53
CA ILE B 122 3.19 -9.70 -14.05
C ILE B 122 3.89 -8.55 -13.36
N VAL B 123 4.80 -7.90 -14.08
CA VAL B 123 5.50 -6.72 -13.58
C VAL B 123 4.93 -5.50 -14.33
N ALA B 124 3.89 -4.89 -13.74
CA ALA B 124 3.18 -3.76 -14.34
C ALA B 124 2.43 -2.93 -13.24
N PRO B 125 1.82 -1.75 -13.53
CA PRO B 125 0.97 -1.10 -12.51
C PRO B 125 -0.41 -1.80 -12.47
N LEU B 126 -0.43 -3.07 -11.98
CA LEU B 126 -1.59 -3.94 -11.86
C LEU B 126 -2.24 -3.74 -10.50
N THR B 127 -3.47 -3.19 -10.49
CA THR B 127 -4.23 -2.92 -9.27
C THR B 127 -4.62 -4.21 -8.59
N ILE B 128 -4.43 -4.27 -7.25
CA ILE B 128 -4.85 -5.43 -6.42
C ILE B 128 -6.36 -5.27 -6.13
N ASN B 129 -7.15 -6.34 -6.38
CA ASN B 129 -8.59 -6.34 -6.08
C ASN B 129 -9.10 -7.69 -5.70
N ASN B 130 -10.33 -7.77 -5.18
CA ASN B 130 -10.90 -9.04 -4.75
C ASN B 130 -10.98 -10.06 -5.88
N GLU B 131 -11.53 -9.65 -7.04
CA GLU B 131 -11.73 -10.50 -8.23
C GLU B 131 -10.45 -11.23 -8.63
N ARG B 132 -9.42 -10.47 -9.02
CA ARG B 132 -8.10 -11.01 -9.38
C ARG B 132 -7.49 -11.89 -8.28
N ALA B 133 -7.53 -11.46 -7.00
CA ALA B 133 -6.95 -12.17 -5.86
C ALA B 133 -7.56 -13.57 -5.58
N GLN B 134 -8.77 -13.85 -6.08
CA GLN B 134 -9.45 -15.16 -5.95
C GLN B 134 -8.74 -16.19 -6.80
N TYR B 135 -8.19 -15.73 -7.96
CA TYR B 135 -7.49 -16.50 -8.99
C TYR B 135 -5.98 -16.43 -8.89
N ILE B 136 -5.40 -15.23 -8.66
CA ILE B 136 -3.93 -15.04 -8.59
C ILE B 136 -3.41 -14.53 -7.26
N GLU B 137 -2.12 -14.76 -7.01
CA GLU B 137 -1.44 -14.24 -5.83
C GLU B 137 -0.79 -12.87 -6.19
N PHE B 138 -1.06 -11.87 -5.35
CA PHE B 138 -0.48 -10.53 -5.47
C PHE B 138 0.65 -10.37 -4.44
N SER B 139 1.65 -9.56 -4.77
CA SER B 139 2.74 -9.30 -3.82
C SER B 139 2.23 -8.25 -2.82
N LYS B 140 3.06 -7.85 -1.84
CA LYS B 140 2.74 -6.72 -0.97
C LYS B 140 2.81 -5.50 -1.93
N PRO B 141 2.01 -4.44 -1.76
CA PRO B 141 2.04 -3.37 -2.77
C PRO B 141 3.38 -2.65 -2.95
N PHE B 142 3.69 -2.26 -4.18
CA PHE B 142 4.90 -1.52 -4.47
C PHE B 142 4.51 -0.06 -4.71
N LYS B 143 3.21 0.26 -4.58
CA LYS B 143 2.69 1.61 -4.81
C LYS B 143 1.26 1.69 -4.28
N TYR B 144 0.89 2.81 -3.61
CA TYR B 144 -0.48 3.09 -3.15
C TYR B 144 -0.90 4.41 -3.76
N GLN B 145 -1.96 4.36 -4.55
CA GLN B 145 -2.51 5.50 -5.25
C GLN B 145 -4.02 5.38 -5.21
N GLY B 146 -4.72 6.01 -6.12
CA GLY B 146 -6.17 5.90 -6.16
C GLY B 146 -6.68 6.20 -7.54
N LEU B 147 -7.95 6.57 -7.60
CA LEU B 147 -8.61 6.98 -8.83
C LEU B 147 -8.95 8.44 -8.75
N THR B 148 -8.87 9.11 -9.90
CA THR B 148 -9.16 10.53 -10.09
C THR B 148 -9.66 10.76 -11.50
N ILE B 149 -10.08 12.00 -11.80
CA ILE B 149 -10.62 12.40 -13.09
C ILE B 149 -9.66 13.37 -13.78
N LEU B 150 -9.24 13.02 -15.00
CA LEU B 150 -8.36 13.84 -15.86
C LEU B 150 -9.24 14.57 -16.88
N VAL B 151 -9.11 15.91 -16.95
CA VAL B 151 -9.89 16.76 -17.86
C VAL B 151 -8.98 17.76 -18.58
N LYS B 152 -9.51 18.41 -19.66
CA LYS B 152 -8.79 19.45 -20.39
C LYS B 152 -8.84 20.70 -19.52
N LYS B 153 -7.77 21.51 -19.49
CA LYS B 153 -7.79 22.73 -18.68
C LYS B 153 -8.93 23.60 -19.20
N GLY B 154 -9.85 23.95 -18.31
CA GLY B 154 -11.03 24.74 -18.64
C GLY B 154 -12.30 24.03 -18.21
N THR B 155 -12.33 22.69 -18.38
CA THR B 155 -13.46 21.83 -17.97
C THR B 155 -13.59 21.91 -16.45
N ARG B 156 -14.74 22.41 -15.98
CA ARG B 156 -14.98 22.54 -14.54
C ARG B 156 -15.86 21.42 -14.01
N ILE B 157 -15.34 20.67 -13.01
CA ILE B 157 -15.96 19.52 -12.35
C ILE B 157 -15.60 19.55 -10.88
N THR B 158 -16.57 19.30 -9.99
CA THR B 158 -16.35 19.24 -8.54
C THR B 158 -15.47 18.03 -8.16
N GLY B 159 -15.76 16.89 -8.77
CA GLY B 159 -15.06 15.62 -8.58
C GLY B 159 -15.85 14.47 -9.17
N ILE B 160 -15.94 13.34 -8.44
CA ILE B 160 -16.72 12.18 -8.91
C ILE B 160 -18.23 12.42 -8.73
N ASN B 161 -18.60 13.51 -8.01
CA ASN B 161 -19.99 13.83 -7.71
C ASN B 161 -20.50 15.13 -8.38
N ASP B 162 -19.96 15.45 -9.58
CA ASP B 162 -20.43 16.59 -10.35
C ASP B 162 -21.75 16.21 -11.06
N PRO B 163 -22.75 17.12 -11.17
CA PRO B 163 -24.00 16.74 -11.87
C PRO B 163 -23.77 16.21 -13.28
N ARG B 164 -22.72 16.72 -13.99
CA ARG B 164 -22.33 16.29 -15.35
C ARG B 164 -21.77 14.84 -15.38
N LEU B 165 -21.49 14.25 -14.18
CA LEU B 165 -20.98 12.89 -14.01
C LEU B 165 -21.99 11.99 -13.30
N ARG B 166 -22.66 12.51 -12.26
CA ARG B 166 -23.63 11.68 -11.55
C ARG B 166 -24.93 11.53 -12.33
N ASN B 167 -25.22 12.49 -13.20
CA ASN B 167 -26.35 12.47 -14.12
C ASN B 167 -25.79 12.71 -15.55
N PRO B 168 -25.54 11.63 -16.32
CA PRO B 168 -24.93 11.79 -17.66
C PRO B 168 -25.83 12.38 -18.76
N SER B 169 -25.22 12.68 -19.93
CA SER B 169 -25.84 13.24 -21.15
C SER B 169 -25.02 12.89 -22.42
N ASP B 170 -24.86 13.86 -23.35
CA ASP B 170 -24.09 13.78 -24.59
C ASP B 170 -23.16 15.00 -24.68
N LYS B 171 -23.51 16.08 -23.95
CA LYS B 171 -22.76 17.34 -23.85
C LYS B 171 -21.44 17.06 -23.10
N PHE B 172 -21.51 16.10 -22.15
CA PHE B 172 -20.40 15.62 -21.35
C PHE B 172 -20.25 14.10 -21.48
N ILE B 173 -19.16 13.69 -22.14
CA ILE B 173 -18.81 12.29 -22.38
C ILE B 173 -17.57 11.94 -21.54
N TYR B 174 -17.70 10.92 -20.70
CA TYR B 174 -16.60 10.43 -19.88
C TYR B 174 -16.49 8.92 -20.05
N ALA B 175 -15.29 8.37 -19.82
CA ALA B 175 -15.00 6.95 -19.96
C ALA B 175 -13.75 6.53 -19.17
N THR B 176 -13.44 5.22 -19.21
CA THR B 176 -12.26 4.59 -18.61
C THR B 176 -11.64 3.60 -19.64
N VAL B 177 -10.67 2.79 -19.21
CA VAL B 177 -10.05 1.79 -20.08
C VAL B 177 -10.88 0.52 -19.96
N LYS B 178 -11.28 -0.08 -21.10
CA LYS B 178 -12.01 -1.34 -21.17
C LYS B 178 -11.15 -2.42 -20.53
N GLN B 179 -11.79 -3.42 -19.92
CA GLN B 179 -11.18 -4.60 -19.32
C GLN B 179 -10.03 -4.32 -18.31
N SER B 180 -10.21 -3.29 -17.47
CA SER B 180 -9.30 -2.93 -16.40
C SER B 180 -10.03 -3.03 -15.02
N SER B 181 -9.32 -2.76 -13.91
CA SER B 181 -9.83 -2.73 -12.54
C SER B 181 -10.86 -1.59 -12.37
N VAL B 182 -10.64 -0.46 -13.06
CA VAL B 182 -11.59 0.67 -13.01
C VAL B 182 -12.91 0.26 -13.68
N ASP B 183 -12.85 -0.61 -14.70
CA ASP B 183 -14.02 -1.16 -15.36
C ASP B 183 -14.81 -1.97 -14.32
N ILE B 184 -14.14 -3.00 -13.71
CA ILE B 184 -14.62 -3.89 -12.64
C ILE B 184 -15.25 -3.04 -11.51
N TYR B 185 -14.59 -1.93 -11.13
CA TYR B 185 -15.04 -1.02 -10.09
C TYR B 185 -16.41 -0.47 -10.32
N PHE B 186 -16.69 0.03 -11.53
CA PHE B 186 -18.02 0.56 -11.85
C PHE B 186 -19.00 -0.55 -12.13
N ARG B 187 -18.52 -1.66 -12.72
CA ARG B 187 -19.32 -2.85 -13.07
C ARG B 187 -19.91 -3.63 -11.85
N ARG B 188 -19.33 -3.46 -10.65
CA ARG B 188 -19.74 -4.15 -9.42
C ARG B 188 -20.52 -3.26 -8.40
N GLN B 189 -20.49 -1.92 -8.60
CA GLN B 189 -21.13 -0.94 -7.69
C GLN B 189 -22.46 -0.38 -8.22
N VAL B 190 -23.54 -0.60 -7.43
CA VAL B 190 -24.93 -0.18 -7.71
C VAL B 190 -25.09 1.35 -7.78
N GLU B 191 -24.44 2.07 -6.87
CA GLU B 191 -24.45 3.54 -6.74
C GLU B 191 -23.89 4.23 -8.00
N LEU B 192 -23.06 3.50 -8.76
CA LEU B 192 -22.40 3.97 -9.98
C LEU B 192 -23.00 3.32 -11.26
N SER B 193 -24.19 2.70 -11.13
CA SER B 193 -24.90 2.01 -12.21
C SER B 193 -25.26 2.96 -13.35
N THR B 194 -25.67 4.20 -13.02
CA THR B 194 -26.06 5.23 -13.98
C THR B 194 -24.77 5.80 -14.65
N MET B 195 -23.62 5.68 -13.96
CA MET B 195 -22.31 6.09 -14.48
C MET B 195 -21.77 5.02 -15.47
N TYR B 196 -21.63 3.75 -15.04
CA TYR B 196 -21.13 2.66 -15.89
C TYR B 196 -21.93 2.47 -17.19
N ARG B 197 -23.28 2.63 -17.14
CA ARG B 197 -24.12 2.46 -18.35
C ARG B 197 -23.82 3.55 -19.39
N HIS B 198 -23.34 4.73 -18.94
CA HIS B 198 -22.90 5.83 -19.81
C HIS B 198 -21.47 5.53 -20.32
N MET B 199 -20.58 5.13 -19.39
CA MET B 199 -19.17 4.85 -19.63
C MET B 199 -18.91 3.67 -20.54
N GLU B 200 -19.72 2.59 -20.47
CA GLU B 200 -19.53 1.41 -21.32
C GLU B 200 -19.74 1.72 -22.81
N LYS B 201 -20.52 2.78 -23.09
CA LYS B 201 -20.80 3.26 -24.44
C LYS B 201 -19.57 3.97 -25.03
N HIS B 202 -18.64 4.45 -24.17
CA HIS B 202 -17.48 5.25 -24.61
C HIS B 202 -16.08 4.74 -24.18
N ASN B 203 -16.01 3.64 -23.41
CA ASN B 203 -14.74 3.09 -22.93
C ASN B 203 -13.67 2.86 -24.01
N TYR B 204 -12.39 3.15 -23.66
CA TYR B 204 -11.23 3.06 -24.54
C TYR B 204 -10.47 1.77 -24.41
N GLU B 205 -9.81 1.34 -25.50
CA GLU B 205 -9.01 0.11 -25.51
C GLU B 205 -7.72 0.33 -24.72
N SER B 206 -7.25 1.60 -24.62
CA SER B 206 -6.03 1.94 -23.92
C SER B 206 -6.10 3.31 -23.28
N ALA B 207 -5.30 3.47 -22.19
CA ALA B 207 -5.16 4.69 -21.42
C ALA B 207 -4.60 5.81 -22.30
N ALA B 208 -3.58 5.48 -23.12
CA ALA B 208 -2.93 6.38 -24.06
C ALA B 208 -3.99 7.01 -24.95
N GLU B 209 -4.90 6.16 -25.49
CA GLU B 209 -6.01 6.54 -26.37
C GLU B 209 -6.98 7.52 -25.69
N ALA B 210 -7.39 7.25 -24.44
CA ALA B 210 -8.29 8.15 -23.71
C ALA B 210 -7.63 9.48 -23.39
N ILE B 211 -6.36 9.46 -22.91
CA ILE B 211 -5.57 10.66 -22.60
C ILE B 211 -5.43 11.50 -23.90
N GLN B 212 -5.30 10.81 -25.07
CA GLN B 212 -5.23 11.48 -26.38
C GLN B 212 -6.56 12.14 -26.68
N ALA B 213 -7.67 11.39 -26.50
CA ALA B 213 -9.05 11.86 -26.71
C ALA B 213 -9.43 13.06 -25.82
N VAL B 214 -8.78 13.21 -24.64
CA VAL B 214 -9.01 14.36 -23.76
C VAL B 214 -8.18 15.52 -24.34
N ARG B 215 -7.08 15.22 -25.07
CA ARG B 215 -6.28 16.27 -25.71
C ARG B 215 -7.04 16.78 -26.96
N ASP B 216 -7.56 15.85 -27.79
CA ASP B 216 -8.35 16.10 -29.00
C ASP B 216 -9.73 16.74 -28.76
N ASN B 217 -10.23 16.76 -27.50
CA ASN B 217 -11.56 17.21 -27.09
C ASN B 217 -12.67 16.27 -27.63
N LYS B 218 -12.26 15.05 -28.04
CA LYS B 218 -13.12 13.98 -28.51
C LYS B 218 -13.62 13.16 -27.25
N LEU B 219 -13.14 13.58 -26.04
CA LEU B 219 -13.45 13.07 -24.68
C LEU B 219 -13.33 14.25 -23.70
N HIS B 220 -14.17 14.26 -22.66
CA HIS B 220 -14.26 15.37 -21.70
C HIS B 220 -13.63 15.10 -20.35
N ALA B 221 -13.68 13.83 -19.89
CA ALA B 221 -13.17 13.39 -18.59
C ALA B 221 -12.70 11.93 -18.65
N PHE B 222 -11.62 11.60 -17.90
CA PHE B 222 -11.05 10.25 -17.87
C PHE B 222 -10.85 9.81 -16.44
N ILE B 223 -11.59 8.78 -16.03
CA ILE B 223 -11.53 8.18 -14.70
C ILE B 223 -10.50 7.08 -14.80
N TRP B 224 -9.34 7.29 -14.18
CA TRP B 224 -8.24 6.33 -14.24
C TRP B 224 -7.32 6.47 -13.01
N ASP B 225 -6.25 5.67 -12.95
CA ASP B 225 -5.23 5.65 -11.92
C ASP B 225 -4.57 7.01 -11.77
N SER B 226 -4.52 7.54 -10.53
CA SER B 226 -3.92 8.84 -10.20
C SER B 226 -2.38 8.87 -10.40
N ALA B 227 -1.69 7.75 -10.15
CA ALA B 227 -0.24 7.69 -10.35
C ALA B 227 0.13 7.98 -11.80
N VAL B 228 -0.77 7.62 -12.74
CA VAL B 228 -0.63 7.79 -14.19
C VAL B 228 -1.19 9.15 -14.64
N LEU B 229 -2.46 9.43 -14.25
CA LEU B 229 -3.13 10.69 -14.58
C LEU B 229 -2.38 11.89 -14.01
N GLU B 230 -2.11 11.92 -12.67
CA GLU B 230 -1.36 12.98 -11.97
C GLU B 230 -0.02 13.17 -12.65
N PHE B 231 0.56 12.10 -13.23
CA PHE B 231 1.82 12.21 -13.98
C PHE B 231 1.61 12.86 -15.35
N GLU B 232 0.57 12.45 -16.10
CA GLU B 232 0.31 13.00 -17.45
C GLU B 232 0.05 14.49 -17.45
N ALA B 233 -0.57 15.01 -16.37
CA ALA B 233 -0.87 16.43 -16.18
C ALA B 233 0.42 17.24 -16.02
N SER B 234 1.42 16.68 -15.30
CA SER B 234 2.73 17.29 -15.09
C SER B 234 3.55 17.35 -16.40
N GLN B 235 3.36 16.35 -17.28
CA GLN B 235 4.03 16.24 -18.57
C GLN B 235 3.33 17.10 -19.65
N LYS B 236 1.97 17.14 -19.59
CA LYS B 236 1.09 17.84 -20.54
C LYS B 236 0.24 18.88 -19.80
N CYS B 237 0.80 20.11 -19.65
CA CYS B 237 0.22 21.26 -18.94
C CYS B 237 -1.18 21.69 -19.45
N ASP B 238 -1.57 21.26 -20.67
CA ASP B 238 -2.89 21.53 -21.22
C ASP B 238 -4.01 20.70 -20.51
N LEU B 239 -3.63 19.52 -19.90
CA LEU B 239 -4.51 18.62 -19.15
C LEU B 239 -4.37 18.85 -17.64
N VAL B 240 -5.46 18.65 -16.87
CA VAL B 240 -5.49 18.86 -15.42
C VAL B 240 -6.30 17.75 -14.70
N THR B 241 -5.91 17.41 -13.44
CA THR B 241 -6.65 16.45 -12.60
C THR B 241 -7.64 17.25 -11.73
N THR B 242 -8.87 16.71 -11.53
CA THR B 242 -9.92 17.38 -10.79
C THR B 242 -10.41 16.55 -9.60
N GLY B 243 -10.70 17.23 -8.51
CA GLY B 243 -11.15 16.61 -7.27
C GLY B 243 -10.03 15.86 -6.57
N GLU B 244 -10.29 15.39 -5.34
CA GLU B 244 -9.29 14.63 -4.59
C GLU B 244 -9.25 13.17 -5.13
N LEU B 245 -9.21 12.16 -4.26
CA LEU B 245 -9.20 10.76 -4.72
C LEU B 245 -10.41 10.09 -4.24
N PHE B 246 -11.23 9.65 -5.18
CA PHE B 246 -12.37 8.81 -4.87
C PHE B 246 -11.73 7.41 -5.05
N PHE B 247 -11.83 6.54 -4.03
CA PHE B 247 -11.22 5.22 -3.97
C PHE B 247 -9.69 5.23 -4.02
N ARG B 248 -9.06 4.47 -3.13
CA ARG B 248 -7.61 4.33 -3.04
C ARG B 248 -7.27 2.87 -3.27
N SER B 249 -6.29 2.64 -4.15
CA SER B 249 -5.85 1.29 -4.42
C SER B 249 -4.32 1.22 -4.63
N GLY B 250 -3.76 0.04 -4.39
CA GLY B 250 -2.33 -0.22 -4.54
C GLY B 250 -2.01 -1.17 -5.67
N PHE B 251 -0.76 -1.09 -6.21
CA PHE B 251 -0.30 -1.97 -7.29
C PHE B 251 0.53 -3.12 -6.74
N GLY B 252 0.35 -4.30 -7.31
CA GLY B 252 1.09 -5.47 -6.88
C GLY B 252 1.61 -6.33 -8.01
N ILE B 253 2.65 -7.12 -7.74
CA ILE B 253 3.26 -8.07 -8.70
C ILE B 253 2.33 -9.29 -8.76
N GLY B 254 1.90 -9.66 -9.97
CA GLY B 254 1.05 -10.81 -10.18
C GLY B 254 1.86 -12.08 -10.37
N MET B 255 1.40 -13.18 -9.79
CA MET B 255 2.00 -14.51 -9.91
C MET B 255 0.85 -15.52 -9.78
N ARG B 256 1.12 -16.81 -10.08
CA ARG B 256 0.12 -17.88 -9.91
C ARG B 256 0.19 -18.32 -8.45
N LYS B 257 -0.83 -19.02 -8.00
CA LYS B 257 -0.90 -19.46 -6.61
C LYS B 257 0.14 -20.57 -6.29
N ASP B 258 0.65 -21.25 -7.34
CA ASP B 258 1.67 -22.30 -7.22
C ASP B 258 3.09 -21.74 -7.14
N SER B 259 3.34 -20.54 -7.77
CA SER B 259 4.64 -19.84 -7.86
C SER B 259 5.47 -19.87 -6.57
N PRO B 260 6.68 -20.46 -6.57
CA PRO B 260 7.48 -20.51 -5.32
C PRO B 260 8.32 -19.24 -5.02
N TRP B 261 7.99 -18.13 -5.72
CA TRP B 261 8.63 -16.81 -5.64
C TRP B 261 7.81 -15.80 -4.80
N LYS B 262 6.50 -16.08 -4.61
CA LYS B 262 5.53 -15.22 -3.89
C LYS B 262 6.08 -14.62 -2.58
N GLN B 263 6.75 -15.43 -1.75
CA GLN B 263 7.38 -14.98 -0.52
C GLN B 263 8.51 -14.00 -0.83
N ASN B 264 9.53 -14.49 -1.56
CA ASN B 264 10.71 -13.70 -1.87
C ASN B 264 10.44 -12.40 -2.65
N VAL B 265 9.31 -12.32 -3.40
CA VAL B 265 8.92 -11.12 -4.14
C VAL B 265 8.48 -10.05 -3.14
N SER B 266 7.63 -10.44 -2.17
CA SER B 266 7.12 -9.53 -1.13
C SER B 266 8.24 -9.10 -0.18
N LEU B 267 9.19 -10.05 0.14
CA LEU B 267 10.32 -9.73 1.02
C LEU B 267 11.20 -8.69 0.36
N SER B 268 11.34 -8.72 -0.99
CA SER B 268 12.12 -7.70 -1.69
C SER B 268 11.40 -6.38 -1.78
N ILE B 269 10.07 -6.41 -1.93
CA ILE B 269 9.31 -5.18 -2.09
C ILE B 269 9.36 -4.42 -0.78
N LEU B 270 9.28 -5.14 0.35
CA LEU B 270 9.43 -4.57 1.69
C LEU B 270 10.88 -4.07 1.86
N LYS B 271 11.90 -4.94 1.65
CA LYS B 271 13.30 -4.52 1.71
C LYS B 271 13.49 -3.15 1.03
N SER B 272 12.94 -3.00 -0.20
CA SER B 272 12.99 -1.83 -1.08
C SER B 272 12.27 -0.62 -0.53
N HIS B 273 11.09 -0.83 0.10
CA HIS B 273 10.32 0.26 0.73
C HIS B 273 11.14 0.81 1.89
N GLU B 274 11.59 -0.10 2.76
CA GLU B 274 12.33 0.15 3.99
C GLU B 274 13.63 0.88 3.80
N ASN B 275 14.36 0.52 2.75
CA ASN B 275 15.65 1.12 2.47
C ASN B 275 15.61 2.33 1.55
N GLY B 276 14.43 2.89 1.35
CA GLY B 276 14.23 4.05 0.47
C GLY B 276 14.46 3.87 -1.02
N PHE B 277 14.56 2.62 -1.53
CA PHE B 277 14.75 2.40 -2.97
C PHE B 277 13.43 2.57 -3.74
N MET B 278 12.31 2.28 -3.09
CA MET B 278 11.01 2.43 -3.73
C MET B 278 10.68 3.92 -3.83
N GLU B 279 11.12 4.75 -2.83
CA GLU B 279 10.93 6.21 -2.81
C GLU B 279 11.87 6.82 -3.86
N ASP B 280 13.01 6.16 -4.07
CA ASP B 280 14.01 6.50 -5.07
C ASP B 280 13.40 6.35 -6.45
N LEU B 281 12.79 5.17 -6.72
CA LEU B 281 12.13 4.92 -7.99
C LEU B 281 11.05 5.96 -8.26
N ASP B 282 10.20 6.22 -7.26
CA ASP B 282 9.16 7.24 -7.32
C ASP B 282 9.73 8.60 -7.63
N LYS B 283 10.81 9.02 -6.94
CA LYS B 283 11.49 10.30 -7.18
C LYS B 283 12.10 10.39 -8.60
N THR B 284 12.51 9.26 -9.19
CA THR B 284 13.08 9.17 -10.55
C THR B 284 12.00 9.30 -11.64
N TRP B 285 10.91 8.50 -11.53
CA TRP B 285 9.87 8.35 -12.54
C TRP B 285 8.61 9.11 -12.35
N VAL B 286 7.97 8.92 -11.19
CA VAL B 286 6.63 9.42 -10.88
C VAL B 286 6.57 10.92 -10.53
N ARG B 287 7.40 11.41 -9.59
CA ARG B 287 7.29 12.81 -9.15
C ARG B 287 8.34 13.73 -9.75
N TYR B 288 8.00 14.34 -10.91
CA TYR B 288 8.81 15.33 -11.61
C TYR B 288 7.94 16.22 -12.52
N GLN B 289 8.34 17.52 -12.65
CA GLN B 289 7.73 18.60 -13.44
C GLN B 289 6.52 19.28 -12.74
N GLU B 290 6.22 20.53 -13.16
CA GLU B 290 5.14 21.38 -12.67
C GLU B 290 4.53 22.19 -13.84
N CYS B 291 3.31 22.74 -13.63
CA CYS B 291 2.57 23.53 -14.63
C CYS B 291 1.90 24.76 -13.99
N GLU C . 3.37 -0.23 14.95
CA GLU C . 4.79 -0.42 15.22
C GLU C . 5.19 -1.89 15.19
O GLU C . 6.38 -2.19 15.43
CB GLU C . 5.19 0.23 16.56
CG GLU C . 5.33 1.74 16.50
CD GLU C . 6.60 2.34 15.90
OE1 GLU C . 7.68 1.71 15.99
OE2 GLU C . 6.51 3.49 15.42
OXT GLU C . 4.33 -2.74 14.91
N GLY D . -4.05 -0.43 -13.26
CA GLY D . -5.43 -0.77 -13.58
C GLY D . -5.62 -2.27 -13.59
O GLY D . -4.88 -3.00 -12.91
OXT GLY D . -6.51 -2.73 -14.33
C4 67H E . 1.16 0.97 1.53
C5 67H E . -0.27 0.58 1.29
C6 67H E . -0.70 -0.24 0.25
C11 67H E . -4.81 0.16 2.41
C7 67H E . -2.05 -0.69 0.15
C10 67H E . -4.29 -0.51 1.34
C13 67H E . -2.40 0.63 2.15
N3 67H E . 2.19 0.13 0.91
C1 67H E . 2.56 1.95 -0.79
C2 67H E . 2.88 0.59 -0.31
O8 67H E . -2.50 -1.37 -0.77
N9 67H E . -2.92 -0.25 1.16
S12 67H E . -3.64 1.14 3.25
N14 67H E . -1.17 1.05 2.27
C15 67H E . -6.22 0.16 2.93
C16 67H E . -5.08 -1.32 0.41
O17 67H E . -5.62 -0.81 -0.57
N18 67H E . -5.19 -2.61 0.71
C19 67H E . -6.15 -3.48 0.05
C20 67H E . 2.55 -1.07 1.52
C21 67H E . 1.85 -1.55 2.64
C22 67H E . 2.24 -2.72 3.26
C23 67H E . 3.33 -3.38 2.78
C24 67H E . 4.04 -2.95 1.70
C25 67H E . 3.64 -1.79 1.07
F26 67H E . 3.68 -4.56 3.35
#